data_8UQF
#
_entry.id   8UQF
#
_cell.length_a   48.016
_cell.length_b   48.609
_cell.length_c   56.438
_cell.angle_alpha   90.000
_cell.angle_beta   93.990
_cell.angle_gamma   90.000
#
_symmetry.space_group_name_H-M   'P 1 21 1'
#
loop_
_entity.id
_entity.type
_entity.pdbx_description
1 polymer 'designed cortisol-binding protein hcy129_mpnn5'
2 non-polymer (11alpha,14beta)-11,17,21-trihydroxypregn-4-ene-3,20-dione
3 non-polymer 'SULFATE ION'
4 water water
#
_entity_poly.entity_id   1
_entity_poly.type   'polypeptide(L)'
_entity_poly.pdbx_seq_one_letter_code
;MSGTSSEEAKEAIIAMLKEWYDAMNEGDMEKLRSLVDPDASFVDARTNQVYDKDQFLQMIKEALEQDLKVEVKSIDIEQQ
PDGDVVIVKVKVRATMVRNGQEHVFEVVDTYEFRRKGDSWKIVKLVSEITQLGSG
;
_entity_poly.pdbx_strand_id   A,B
#
loop_
_chem_comp.id
_chem_comp.type
_chem_comp.name
_chem_comp.formula
HCY non-polymer (11alpha,14beta)-11,17,21-trihydroxypregn-4-ene-3,20-dione 'C21 H30 O5'
SO4 non-polymer 'SULFATE ION' 'O4 S -2'
#
# COMPACT_ATOMS: atom_id res chain seq x y z
N SER A 6 19.07 1.69 10.80
CA SER A 6 17.66 1.49 11.03
C SER A 6 16.98 1.29 9.71
N GLU A 7 17.46 1.99 8.70
CA GLU A 7 16.90 1.84 7.40
C GLU A 7 17.27 0.45 6.93
N GLU A 8 18.50 0.00 7.19
CA GLU A 8 18.90 -1.35 6.86
C GLU A 8 18.00 -2.36 7.58
N ALA A 9 17.70 -2.13 8.84
CA ALA A 9 16.83 -3.00 9.58
C ALA A 9 15.49 -3.10 8.89
N LYS A 10 14.92 -1.95 8.57
CA LYS A 10 13.64 -1.90 7.90
C LYS A 10 13.69 -2.61 6.56
N GLU A 11 14.72 -2.37 5.82
CA GLU A 11 14.87 -2.91 4.51
C GLU A 11 14.99 -4.38 4.54
N ALA A 12 15.61 -4.89 5.57
CA ALA A 12 15.76 -6.34 5.71
C ALA A 12 14.43 -7.00 6.05
N ILE A 13 13.64 -6.38 6.90
CA ILE A 13 12.35 -6.92 7.26
C ILE A 13 11.46 -6.95 6.03
N ILE A 14 11.47 -5.89 5.26
CA ILE A 14 10.65 -5.86 4.08
C ILE A 14 11.06 -6.92 3.12
N ALA A 15 12.34 -7.05 2.91
CA ALA A 15 12.81 -8.07 1.99
C ALA A 15 12.34 -9.45 2.44
N MET A 16 12.38 -9.73 3.73
CA MET A 16 11.95 -11.00 4.26
C MET A 16 10.47 -11.23 4.02
N LEU A 17 9.66 -10.20 4.16
CA LEU A 17 8.22 -10.37 3.89
C LEU A 17 7.98 -10.61 2.40
N LYS A 18 8.75 -9.96 1.53
CA LYS A 18 8.72 -10.30 0.11
C LYS A 18 9.05 -11.79 -0.08
N GLU A 19 10.11 -12.27 0.57
CA GLU A 19 10.47 -13.67 0.46
C GLU A 19 9.33 -14.56 0.95
N TRP A 20 8.67 -14.16 2.04
CA TRP A 20 7.61 -14.96 2.63
C TRP A 20 6.48 -15.17 1.63
N TYR A 21 5.97 -14.09 1.14
CA TYR A 21 4.88 -14.19 0.24
C TYR A 21 5.30 -14.81 -1.10
N ASP A 22 6.52 -14.58 -1.53
CA ASP A 22 6.97 -15.20 -2.76
C ASP A 22 7.08 -16.69 -2.55
N ALA A 23 7.61 -17.13 -1.44
CA ALA A 23 7.71 -18.56 -1.15
C ALA A 23 6.33 -19.20 -1.09
N MET A 24 5.38 -18.45 -0.61
CA MET A 24 4.04 -18.94 -0.55
C MET A 24 3.52 -19.21 -1.94
N ASN A 25 3.68 -18.29 -2.86
CA ASN A 25 3.23 -18.53 -4.21
C ASN A 25 4.02 -19.63 -4.90
N GLU A 26 5.29 -19.79 -4.51
CA GLU A 26 6.11 -20.85 -5.08
C GLU A 26 5.76 -22.22 -4.49
N GLY A 27 5.07 -22.24 -3.34
CA GLY A 27 4.86 -23.47 -2.62
C GLY A 27 6.07 -24.00 -1.90
N ASP A 28 7.03 -23.13 -1.59
CA ASP A 28 8.32 -23.52 -1.02
C ASP A 28 8.29 -23.38 0.50
N MET A 29 7.86 -24.43 1.17
CA MET A 29 7.76 -24.36 2.63
C MET A 29 9.13 -24.43 3.29
N GLU A 30 10.19 -24.82 2.61
CA GLU A 30 11.48 -24.78 3.23
C GLU A 30 11.84 -23.37 3.54
N LYS A 31 11.49 -22.47 2.64
CA LYS A 31 11.81 -21.08 2.85
C LYS A 31 10.95 -20.50 3.96
N LEU A 32 9.70 -20.88 4.05
CA LEU A 32 8.85 -20.37 5.13
C LEU A 32 9.35 -20.82 6.50
N ARG A 33 9.77 -22.06 6.60
CA ARG A 33 10.21 -22.59 7.87
C ARG A 33 11.37 -21.83 8.41
N SER A 34 12.23 -21.38 7.53
CA SER A 34 13.41 -20.69 7.97
C SER A 34 13.22 -19.26 8.44
N LEU A 35 12.07 -18.66 8.13
CA LEU A 35 11.78 -17.28 8.47
C LEU A 35 11.10 -17.11 9.82
N VAL A 36 10.76 -18.20 10.49
CA VAL A 36 9.94 -18.21 11.69
C VAL A 36 10.78 -18.73 12.85
N ASP A 37 10.72 -18.06 13.99
CA ASP A 37 11.41 -18.51 15.16
C ASP A 37 10.73 -19.80 15.61
N PRO A 38 11.48 -20.77 16.14
CA PRO A 38 10.80 -21.98 16.60
C PRO A 38 9.70 -21.81 17.66
N ASP A 39 9.76 -20.78 18.47
CA ASP A 39 8.80 -20.52 19.49
C ASP A 39 7.79 -19.46 19.12
N ALA A 40 7.62 -19.23 17.83
CA ALA A 40 6.69 -18.21 17.41
C ALA A 40 5.24 -18.57 17.66
N SER A 41 4.38 -17.60 17.84
CA SER A 41 2.88 -18.01 18.01
CA SER A 41 2.87 -17.99 18.01
C SER A 41 2.06 -17.28 16.75
N PHE A 42 1.08 -18.03 16.31
CA PHE A 42 0.27 -17.61 15.19
C PHE A 42 -1.17 -17.48 15.61
N VAL A 43 -1.75 -16.30 15.44
CA VAL A 43 -3.07 -16.10 15.91
C VAL A 43 -4.07 -15.83 14.76
N ASP A 44 -5.19 -16.52 14.79
CA ASP A 44 -6.34 -16.27 13.91
C ASP A 44 -7.22 -15.32 14.69
N ALA A 45 -7.19 -14.03 14.34
CA ALA A 45 -7.85 -13.04 15.20
C ALA A 45 -9.36 -13.28 15.26
N ARG A 46 -9.96 -13.67 14.14
CA ARG A 46 -11.41 -13.76 14.06
C ARG A 46 -11.95 -14.96 14.85
N THR A 47 -11.18 -16.04 14.95
CA THR A 47 -11.60 -17.21 15.71
C THR A 47 -10.98 -17.27 17.10
N ASN A 48 -10.00 -16.40 17.41
CA ASN A 48 -9.24 -16.38 18.65
C ASN A 48 -8.37 -17.62 18.81
N GLN A 49 -8.16 -18.34 17.73
CA GLN A 49 -7.31 -19.53 17.76
C GLN A 49 -5.84 -19.18 17.70
N VAL A 50 -5.03 -19.90 18.50
CA VAL A 50 -3.60 -19.68 18.59
C VAL A 50 -2.88 -20.98 18.28
N TYR A 51 -1.87 -20.91 17.42
CA TYR A 51 -1.09 -22.06 16.95
C TYR A 51 0.41 -21.85 17.15
N ASP A 52 1.12 -22.97 17.39
CA ASP A 52 2.57 -22.89 17.37
C ASP A 52 3.07 -23.05 15.92
N LYS A 53 4.40 -23.02 15.73
CA LYS A 53 4.97 -22.99 14.38
C LYS A 53 4.60 -24.24 13.60
N ASP A 54 4.76 -25.43 14.22
CA ASP A 54 4.47 -26.65 13.48
C ASP A 54 3.00 -26.74 13.09
N GLN A 55 2.08 -26.27 13.95
CA GLN A 55 0.66 -26.32 13.66
C GLN A 55 0.31 -25.35 12.54
N PHE A 56 0.94 -24.17 12.61
CA PHE A 56 0.75 -23.16 11.58
C PHE A 56 1.21 -23.68 10.22
N LEU A 57 2.39 -24.26 10.18
CA LEU A 57 2.94 -24.77 8.93
C LEU A 57 2.14 -25.93 8.39
N GLN A 58 1.52 -26.68 9.26
CA GLN A 58 0.68 -27.76 8.83
C GLN A 58 -0.53 -27.20 8.08
N MET A 59 -1.09 -26.14 8.62
CA MET A 59 -2.21 -25.46 8.00
C MET A 59 -1.80 -24.84 6.70
N ILE A 60 -0.61 -24.26 6.67
CA ILE A 60 -0.10 -23.74 5.40
C ILE A 60 0.01 -24.86 4.37
N LYS A 61 0.53 -25.99 4.76
CA LYS A 61 0.64 -27.11 3.83
C LYS A 61 -0.70 -27.49 3.20
N GLU A 62 -1.74 -27.59 4.03
CA GLU A 62 -3.07 -27.90 3.56
C GLU A 62 -3.58 -26.84 2.61
N ALA A 63 -3.31 -25.55 2.91
CA ALA A 63 -3.75 -24.49 2.03
C ALA A 63 -3.03 -24.52 0.70
N LEU A 64 -1.73 -24.82 0.74
CA LEU A 64 -0.98 -24.93 -0.50
C LEU A 64 -1.49 -26.07 -1.37
N GLU A 65 -1.96 -27.15 -0.74
CA GLU A 65 -2.57 -28.26 -1.48
C GLU A 65 -3.87 -27.83 -2.15
N GLN A 66 -4.51 -26.76 -1.65
CA GLN A 66 -5.69 -26.17 -2.26
C GLN A 66 -5.35 -24.98 -3.17
N ASP A 67 -4.16 -24.96 -3.69
CA ASP A 67 -3.71 -23.93 -4.60
C ASP A 67 -3.73 -22.51 -4.03
N LEU A 68 -3.39 -22.35 -2.77
CA LEU A 68 -3.30 -21.03 -2.22
C LEU A 68 -2.35 -20.14 -2.97
N LYS A 69 -2.81 -18.97 -3.35
CA LYS A 69 -1.99 -17.95 -3.98
C LYS A 69 -2.24 -16.62 -3.28
N VAL A 70 -1.24 -15.77 -3.24
CA VAL A 70 -1.35 -14.52 -2.55
C VAL A 70 -0.72 -13.33 -3.31
N GLU A 71 -1.19 -12.12 -3.05
CA GLU A 71 -0.59 -10.97 -3.61
C GLU A 71 -0.57 -9.89 -2.53
N VAL A 72 0.58 -9.32 -2.27
CA VAL A 72 0.67 -8.32 -1.27
C VAL A 72 0.12 -6.99 -1.83
N LYS A 73 -0.76 -6.33 -1.10
CA LYS A 73 -1.34 -5.08 -1.49
C LYS A 73 -0.72 -3.88 -0.84
N SER A 74 -0.25 -3.97 0.40
CA SER A 74 0.34 -2.86 1.10
C SER A 74 1.13 -3.39 2.29
N ILE A 75 2.18 -2.67 2.63
CA ILE A 75 3.07 -3.02 3.75
C ILE A 75 3.36 -1.76 4.55
N ASP A 76 3.05 -1.78 5.85
CA ASP A 76 3.21 -0.62 6.71
C ASP A 76 4.02 -1.01 7.94
N ILE A 77 5.23 -0.47 8.09
CA ILE A 77 6.01 -0.71 9.24
C ILE A 77 5.54 0.26 10.33
N GLU A 78 5.27 -0.23 11.52
CA GLU A 78 4.80 0.59 12.60
C GLU A 78 5.89 0.61 13.63
N VAL A 85 12.33 -5.10 18.40
CA VAL A 85 11.02 -5.55 17.95
C VAL A 85 10.50 -4.61 16.87
N VAL A 86 10.10 -5.18 15.74
CA VAL A 86 9.57 -4.45 14.60
C VAL A 86 8.19 -5.02 14.30
N ILE A 87 7.17 -4.16 14.21
CA ILE A 87 5.80 -4.54 13.95
C ILE A 87 5.43 -4.08 12.54
N VAL A 88 4.97 -4.98 11.69
CA VAL A 88 4.66 -4.68 10.30
C VAL A 88 3.28 -5.19 9.97
N LYS A 89 2.41 -4.37 9.38
CA LYS A 89 1.09 -4.71 8.96
C LYS A 89 1.10 -4.92 7.41
N VAL A 90 0.66 -6.06 6.94
CA VAL A 90 0.61 -6.39 5.52
C VAL A 90 -0.82 -6.68 5.16
N LYS A 91 -1.33 -6.11 4.08
CA LYS A 91 -2.64 -6.40 3.59
C LYS A 91 -2.42 -7.26 2.35
N VAL A 92 -3.15 -8.36 2.26
CA VAL A 92 -2.96 -9.33 1.22
C VAL A 92 -4.29 -9.82 0.61
N ARG A 93 -4.32 -9.98 -0.70
CA ARG A 93 -5.42 -10.69 -1.32
C ARG A 93 -4.98 -12.13 -1.57
N ALA A 94 -5.85 -13.08 -1.24
CA ALA A 94 -5.51 -14.48 -1.38
C ALA A 94 -6.64 -15.23 -2.06
N THR A 95 -6.28 -16.32 -2.73
CA THR A 95 -7.25 -17.18 -3.34
C THR A 95 -6.89 -18.60 -3.02
N MET A 96 -7.89 -19.45 -2.92
CA MET A 96 -7.74 -20.86 -2.68
C MET A 96 -8.81 -21.55 -3.50
N VAL A 97 -8.52 -22.70 -4.05
CA VAL A 97 -9.49 -23.46 -4.84
C VAL A 97 -9.83 -24.70 -4.04
N ARG A 98 -11.09 -24.84 -3.63
CA ARG A 98 -11.59 -25.88 -2.75
C ARG A 98 -12.68 -26.64 -3.48
N ASN A 99 -12.42 -27.89 -3.84
CA ASN A 99 -13.38 -28.72 -4.55
C ASN A 99 -13.90 -27.99 -5.79
N GLY A 100 -13.02 -27.39 -6.53
CA GLY A 100 -13.39 -26.71 -7.74
C GLY A 100 -14.04 -25.37 -7.59
N GLN A 101 -14.20 -24.85 -6.37
CA GLN A 101 -14.84 -23.58 -6.20
C GLN A 101 -13.75 -22.68 -5.65
N GLU A 102 -13.46 -21.58 -6.31
CA GLU A 102 -12.45 -20.68 -5.87
C GLU A 102 -13.02 -19.82 -4.75
N HIS A 103 -12.20 -19.45 -3.78
CA HIS A 103 -12.61 -18.62 -2.68
C HIS A 103 -11.61 -17.47 -2.65
N VAL A 104 -12.06 -16.27 -2.36
CA VAL A 104 -11.19 -15.12 -2.37
C VAL A 104 -11.19 -14.46 -1.02
N PHE A 105 -10.02 -14.08 -0.54
CA PHE A 105 -9.88 -13.51 0.75
C PHE A 105 -9.09 -12.21 0.83
N GLU A 106 -9.36 -11.38 1.81
CA GLU A 106 -8.56 -10.21 2.03
C GLU A 106 -8.05 -10.44 3.46
N VAL A 107 -6.74 -10.43 3.68
CA VAL A 107 -6.13 -10.76 4.95
C VAL A 107 -5.27 -9.61 5.41
N VAL A 108 -5.37 -9.25 6.70
CA VAL A 108 -4.47 -8.28 7.27
C VAL A 108 -3.59 -9.06 8.21
N ASP A 109 -2.31 -9.11 7.88
CA ASP A 109 -1.29 -9.85 8.63
C ASP A 109 -0.46 -8.85 9.40
N THR A 110 -0.47 -8.94 10.72
CA THR A 110 0.39 -8.11 11.52
C THR A 110 1.45 -8.97 12.17
N TYR A 111 2.70 -8.72 11.80
CA TYR A 111 3.86 -9.47 12.22
C TYR A 111 4.61 -8.73 13.31
N GLU A 112 5.23 -9.50 14.20
CA GLU A 112 6.16 -9.01 15.17
C GLU A 112 7.48 -9.73 14.85
N PHE A 113 8.52 -9.01 14.44
CA PHE A 113 9.82 -9.56 14.16
C PHE A 113 10.73 -9.25 15.34
N ARG A 114 11.62 -10.16 15.70
CA ARG A 114 12.53 -9.92 16.82
C ARG A 114 13.91 -10.38 16.40
N ARG A 115 14.96 -9.65 16.78
CA ARG A 115 16.28 -10.04 16.34
C ARG A 115 16.81 -11.20 17.21
N SER A 119 20.04 -11.94 12.94
CA SER A 119 18.99 -12.02 11.94
C SER A 119 17.64 -11.73 12.60
N TRP A 120 16.73 -11.18 11.81
CA TRP A 120 15.37 -10.98 12.25
C TRP A 120 14.51 -12.21 11.96
N LYS A 121 13.67 -12.57 12.93
CA LYS A 121 12.78 -13.71 12.77
C LYS A 121 11.38 -13.34 13.21
N ILE A 122 10.39 -13.98 12.61
CA ILE A 122 9.02 -13.75 12.98
C ILE A 122 8.80 -14.40 14.33
N VAL A 123 8.33 -13.66 15.32
CA VAL A 123 8.01 -14.31 16.56
C VAL A 123 6.50 -14.34 16.82
N LYS A 124 5.75 -13.58 16.07
CA LYS A 124 4.34 -13.58 16.25
C LYS A 124 3.60 -13.09 15.02
N LEU A 125 2.53 -13.74 14.66
CA LEU A 125 1.68 -13.19 13.59
C LEU A 125 0.23 -13.20 14.04
N VAL A 126 -0.49 -12.09 13.83
CA VAL A 126 -1.93 -12.07 13.99
C VAL A 126 -2.54 -11.84 12.61
N SER A 127 -3.45 -12.72 12.19
CA SER A 127 -4.09 -12.63 10.88
C SER A 127 -5.61 -12.41 10.97
N GLU A 128 -6.11 -11.34 10.39
CA GLU A 128 -7.49 -11.08 10.30
C GLU A 128 -7.88 -11.52 8.90
N ILE A 129 -8.71 -12.55 8.78
CA ILE A 129 -9.05 -13.17 7.51
C ILE A 129 -10.53 -12.92 7.20
N THR A 130 -10.81 -12.32 6.06
CA THR A 130 -12.13 -12.05 5.62
C THR A 130 -12.32 -12.74 4.29
N GLN A 131 -13.38 -13.49 4.12
CA GLN A 131 -13.66 -14.13 2.85
C GLN A 131 -14.54 -13.17 2.06
N LEU A 132 -14.08 -12.78 0.91
CA LEU A 132 -14.78 -11.79 0.11
C LEU A 132 -15.85 -12.32 -0.74
N GLY A 133 -15.68 -13.53 -1.18
CA GLY A 133 -16.60 -14.09 -2.13
C GLY A 133 -15.98 -13.95 -3.50
N SER A 134 -15.98 -15.03 -4.28
CA SER A 134 -15.38 -15.04 -5.60
C SER A 134 -16.11 -14.19 -6.60
N GLU B 7 12.70 10.77 11.36
CA GLU B 7 11.41 10.59 10.75
C GLU B 7 10.66 11.91 10.57
N GLU B 8 11.26 13.05 10.82
CA GLU B 8 10.50 14.29 10.72
C GLU B 8 9.92 14.59 9.35
N ALA B 9 10.75 14.50 8.34
CA ALA B 9 10.25 14.76 7.00
C ALA B 9 9.23 13.75 6.57
N LYS B 10 9.44 12.50 6.89
CA LYS B 10 8.50 11.52 6.52
C LYS B 10 7.16 11.77 7.16
N GLU B 11 7.16 12.11 8.43
CA GLU B 11 5.95 12.37 9.16
C GLU B 11 5.19 13.51 8.54
N ALA B 12 5.84 14.57 8.13
CA ALA B 12 5.14 15.68 7.58
C ALA B 12 4.55 15.33 6.22
N ILE B 13 5.29 14.60 5.44
CA ILE B 13 4.83 14.24 4.12
C ILE B 13 3.66 13.27 4.12
N ILE B 14 3.67 12.30 5.00
CA ILE B 14 2.58 11.39 5.08
C ILE B 14 1.34 12.16 5.55
N ALA B 15 1.50 13.01 6.53
CA ALA B 15 0.43 13.85 7.01
C ALA B 15 -0.12 14.71 5.90
N MET B 16 0.75 15.28 5.08
CA MET B 16 0.30 16.10 3.96
C MET B 16 -0.43 15.25 2.91
N LEU B 17 0.04 14.05 2.65
CA LEU B 17 -0.69 13.22 1.68
C LEU B 17 -2.06 12.84 2.22
N LYS B 18 -2.17 12.63 3.52
CA LYS B 18 -3.46 12.33 4.10
C LYS B 18 -4.37 13.54 3.90
N GLU B 19 -3.84 14.72 4.10
CA GLU B 19 -4.60 15.92 3.91
C GLU B 19 -5.04 16.07 2.47
N TRP B 20 -4.13 15.79 1.56
CA TRP B 20 -4.42 15.94 0.13
C TRP B 20 -5.63 15.11 -0.26
N TYR B 21 -5.60 13.82 0.03
CA TYR B 21 -6.70 12.96 -0.40
C TYR B 21 -7.95 13.26 0.44
N ASP B 22 -7.79 13.64 1.71
CA ASP B 22 -8.97 14.03 2.49
C ASP B 22 -9.61 15.28 1.91
N ALA B 23 -8.80 16.27 1.52
CA ALA B 23 -9.34 17.50 0.93
C ALA B 23 -10.00 17.21 -0.40
N MET B 24 -9.48 16.25 -1.14
CA MET B 24 -10.09 15.86 -2.37
C MET B 24 -11.48 15.31 -2.12
N ASN B 25 -11.60 14.40 -1.19
CA ASN B 25 -12.90 13.84 -0.90
C ASN B 25 -13.86 14.91 -0.36
N GLU B 26 -13.33 15.88 0.39
CA GLU B 26 -14.14 16.99 0.92
C GLU B 26 -14.51 18.00 -0.15
N GLY B 27 -13.86 17.96 -1.32
CA GLY B 27 -13.98 19.01 -2.30
C GLY B 27 -13.38 20.34 -1.88
N ASP B 28 -12.33 20.33 -1.06
CA ASP B 28 -11.78 21.53 -0.45
C ASP B 28 -10.57 22.00 -1.24
N MET B 29 -10.83 22.77 -2.26
CA MET B 29 -9.75 23.21 -3.08
C MET B 29 -8.75 24.17 -2.46
N GLU B 30 -9.12 24.94 -1.45
CA GLU B 30 -8.10 25.81 -0.85
C GLU B 30 -7.03 24.98 -0.17
N LYS B 31 -7.39 23.87 0.45
CA LYS B 31 -6.37 23.02 1.03
C LYS B 31 -5.49 22.41 -0.03
N LEU B 32 -6.04 21.97 -1.15
CA LEU B 32 -5.19 21.41 -2.18
C LEU B 32 -4.16 22.41 -2.64
N ARG B 33 -4.61 23.62 -2.90
CA ARG B 33 -3.78 24.72 -3.37
C ARG B 33 -2.58 25.06 -2.50
N SER B 34 -2.78 24.96 -1.20
CA SER B 34 -1.74 25.21 -0.24
C SER B 34 -0.67 24.14 -0.13
N LEU B 35 -0.85 22.96 -0.73
CA LEU B 35 0.12 21.88 -0.68
C LEU B 35 1.06 21.82 -1.89
N VAL B 36 0.89 22.71 -2.87
CA VAL B 36 1.58 22.62 -4.15
C VAL B 36 2.43 23.86 -4.39
N ASP B 37 3.70 23.65 -4.69
CA ASP B 37 4.58 24.76 -5.05
C ASP B 37 4.06 25.45 -6.31
N PRO B 38 4.17 26.77 -6.43
CA PRO B 38 3.61 27.42 -7.63
C PRO B 38 4.21 26.90 -8.93
N ASP B 39 5.44 26.40 -8.92
CA ASP B 39 6.10 25.93 -10.14
C ASP B 39 6.05 24.42 -10.28
N ALA B 40 5.12 23.75 -9.60
CA ALA B 40 5.00 22.30 -9.74
C ALA B 40 4.58 21.92 -11.15
N SER B 41 4.96 20.70 -11.51
CA SER B 41 4.55 20.16 -12.94
CA SER B 41 4.55 20.15 -12.94
C SER B 41 3.73 18.75 -12.57
N PHE B 42 2.64 18.65 -13.24
CA PHE B 42 1.72 17.54 -13.05
C PHE B 42 1.69 16.75 -14.34
N VAL B 43 2.11 15.50 -14.30
CA VAL B 43 2.21 14.72 -15.47
C VAL B 43 1.21 13.58 -15.55
N ASP B 44 0.50 13.48 -16.65
CA ASP B 44 -0.42 12.38 -16.95
C ASP B 44 0.43 11.40 -17.73
N ALA B 45 0.91 10.33 -17.08
CA ALA B 45 1.89 9.45 -17.71
C ALA B 45 1.36 8.84 -19.00
N ARG B 46 0.14 8.37 -18.99
CA ARG B 46 -0.42 7.69 -20.12
C ARG B 46 -0.52 8.52 -21.39
N THR B 47 -0.84 9.80 -21.25
CA THR B 47 -0.98 10.70 -22.38
C THR B 47 0.25 11.57 -22.63
N ASN B 48 1.23 11.54 -21.74
CA ASN B 48 2.44 12.36 -21.81
C ASN B 48 2.13 13.83 -21.64
N GLN B 49 1.07 14.20 -20.99
CA GLN B 49 0.65 15.59 -20.92
C GLN B 49 1.21 16.14 -19.65
N VAL B 50 1.65 17.37 -19.70
CA VAL B 50 2.27 18.00 -18.54
C VAL B 50 1.54 19.32 -18.29
N TYR B 51 1.15 19.54 -17.03
CA TYR B 51 0.37 20.70 -16.65
C TYR B 51 1.05 21.47 -15.53
N ASP B 52 0.79 22.78 -15.48
CA ASP B 52 1.26 23.56 -14.35
C ASP B 52 0.19 23.52 -13.27
N LYS B 53 0.47 24.20 -12.15
CA LYS B 53 -0.42 24.15 -10.99
C LYS B 53 -1.83 24.59 -11.30
N ASP B 54 -2.01 25.77 -11.93
CA ASP B 54 -3.36 26.26 -12.18
C ASP B 54 -4.11 25.36 -13.15
N GLN B 55 -3.43 24.80 -14.13
CA GLN B 55 -4.06 23.94 -15.09
C GLN B 55 -4.52 22.66 -14.43
N PHE B 56 -3.70 22.15 -13.54
CA PHE B 56 -4.04 20.91 -12.86
C PHE B 56 -5.22 21.13 -11.92
N LEU B 57 -5.20 22.23 -11.16
CA LEU B 57 -6.31 22.50 -10.26
C LEU B 57 -7.60 22.77 -11.01
N GLN B 58 -7.50 23.31 -12.22
CA GLN B 58 -8.66 23.51 -13.06
C GLN B 58 -9.26 22.13 -13.37
N MET B 59 -8.44 21.18 -13.79
CA MET B 59 -8.92 19.83 -14.05
C MET B 59 -9.51 19.19 -12.80
N ILE B 60 -8.90 19.41 -11.63
CA ILE B 60 -9.46 18.85 -10.39
CA ILE B 60 -9.46 18.84 -10.40
C ILE B 60 -10.86 19.39 -10.16
N LYS B 61 -11.03 20.71 -10.31
CA LYS B 61 -12.35 21.33 -10.16
C LYS B 61 -13.39 20.61 -11.01
N GLU B 62 -13.06 20.39 -12.28
CA GLU B 62 -13.99 19.68 -13.16
C GLU B 62 -14.27 18.27 -12.66
N ALA B 63 -13.23 17.56 -12.22
CA ALA B 63 -13.47 16.21 -11.75
C ALA B 63 -14.33 16.21 -10.50
N LEU B 64 -14.11 17.18 -9.64
CA LEU B 64 -14.92 17.30 -8.42
C LEU B 64 -16.40 17.56 -8.74
N GLU B 65 -16.64 18.31 -9.79
CA GLU B 65 -18.00 18.59 -10.23
C GLU B 65 -18.68 17.29 -10.68
N GLN B 66 -17.86 16.33 -11.11
CA GLN B 66 -18.31 15.02 -11.47
C GLN B 66 -18.20 13.97 -10.36
N ASP B 67 -18.31 14.38 -9.11
CA ASP B 67 -18.32 13.53 -7.95
C ASP B 67 -17.08 12.68 -7.75
N LEU B 68 -15.92 13.21 -8.14
CA LEU B 68 -14.67 12.51 -7.86
C LEU B 68 -14.56 12.15 -6.38
N LYS B 69 -14.18 10.90 -6.08
CA LYS B 69 -13.97 10.39 -4.75
C LYS B 69 -12.75 9.47 -4.84
N VAL B 70 -11.94 9.48 -3.80
CA VAL B 70 -10.72 8.71 -3.80
C VAL B 70 -10.55 7.90 -2.50
N GLU B 71 -9.86 6.77 -2.60
CA GLU B 71 -9.59 5.93 -1.49
C GLU B 71 -8.09 5.52 -1.60
N VAL B 72 -7.28 5.90 -0.65
CA VAL B 72 -5.85 5.53 -0.69
C VAL B 72 -5.69 4.06 -0.28
N LYS B 73 -5.01 3.27 -1.12
CA LYS B 73 -4.76 1.89 -0.84
C LYS B 73 -3.39 1.64 -0.26
N SER B 74 -2.36 2.41 -0.64
CA SER B 74 -1.02 2.17 -0.15
C SER B 74 -0.19 3.43 -0.38
N ILE B 75 0.81 3.63 0.46
CA ILE B 75 1.73 4.77 0.42
C ILE B 75 3.15 4.30 0.71
N ASP B 76 4.05 4.39 -0.25
CA ASP B 76 5.38 3.91 -0.08
C ASP B 76 6.40 5.00 -0.33
N ILE B 77 7.10 5.49 0.70
CA ILE B 77 8.12 6.51 0.51
C ILE B 77 9.29 5.79 -0.10
N GLU B 78 9.81 6.28 -1.22
CA GLU B 78 10.84 5.55 -1.85
C GLU B 78 12.24 5.98 -1.50
N GLN B 79 13.06 5.00 -1.15
CA GLN B 79 14.43 5.12 -0.68
C GLN B 79 15.28 5.67 -1.80
N GLN B 80 15.88 6.84 -1.60
CA GLN B 80 16.74 7.46 -2.59
C GLN B 80 17.68 8.43 -1.84
N PRO B 81 18.91 8.81 -2.35
CA PRO B 81 19.93 9.65 -1.59
C PRO B 81 19.92 11.27 -1.57
N ASP B 82 19.08 11.68 -2.51
CA ASP B 82 18.85 13.09 -2.62
C ASP B 82 17.90 13.26 -1.40
N GLY B 83 18.48 13.76 -0.26
CA GLY B 83 18.01 14.13 1.03
C GLY B 83 17.46 15.49 0.84
N ASP B 84 17.78 16.14 -0.28
CA ASP B 84 16.87 17.39 -0.54
C ASP B 84 15.34 17.23 -1.14
N VAL B 85 14.96 16.02 -1.40
CA VAL B 85 13.78 15.55 -2.15
C VAL B 85 13.22 14.33 -1.42
N VAL B 86 11.88 14.22 -1.31
CA VAL B 86 11.25 13.02 -0.86
C VAL B 86 10.31 12.44 -1.99
N ILE B 87 10.49 11.18 -2.39
CA ILE B 87 9.67 10.54 -3.44
C ILE B 87 8.67 9.58 -2.87
N VAL B 88 7.39 9.75 -3.17
CA VAL B 88 6.39 8.89 -2.58
C VAL B 88 5.40 8.32 -3.60
N LYS B 89 5.17 7.01 -3.57
CA LYS B 89 4.28 6.34 -4.47
C LYS B 89 2.96 5.98 -3.77
N VAL B 90 1.85 6.45 -4.31
CA VAL B 90 0.55 6.25 -3.69
C VAL B 90 -0.33 5.53 -4.67
N LYS B 91 -0.96 4.45 -4.24
CA LYS B 91 -1.90 3.75 -5.07
C LYS B 91 -3.29 4.10 -4.57
N VAL B 92 -4.18 4.44 -5.49
CA VAL B 92 -5.45 4.95 -5.15
C VAL B 92 -6.55 4.36 -6.02
N ARG B 93 -7.74 4.10 -5.46
CA ARG B 93 -8.93 3.76 -6.20
C ARG B 93 -9.74 5.05 -6.25
N ALA B 94 -10.32 5.37 -7.38
CA ALA B 94 -11.03 6.62 -7.59
C ALA B 94 -12.30 6.34 -8.38
N THR B 95 -13.36 7.08 -8.09
CA THR B 95 -14.58 6.92 -8.81
C THR B 95 -15.02 8.30 -9.29
N MET B 96 -15.65 8.35 -10.45
CA MET B 96 -16.15 9.59 -11.00
C MET B 96 -17.49 9.28 -11.65
N VAL B 97 -18.37 10.26 -11.75
CA VAL B 97 -19.69 10.04 -12.33
C VAL B 97 -20.04 11.02 -13.43
N ARG B 98 -20.14 10.56 -14.68
CA ARG B 98 -20.49 11.36 -15.83
C ARG B 98 -21.79 10.85 -16.38
N GLN B 101 -23.66 7.67 -14.48
CA GLN B 101 -22.76 6.58 -14.84
C GLN B 101 -21.41 6.66 -14.17
N GLU B 102 -21.27 5.93 -13.10
CA GLU B 102 -20.05 5.89 -12.35
C GLU B 102 -18.95 5.18 -13.11
N HIS B 103 -17.72 5.71 -13.07
CA HIS B 103 -16.56 5.11 -13.71
C HIS B 103 -15.56 4.90 -12.58
N VAL B 104 -14.78 3.84 -12.69
CA VAL B 104 -13.85 3.46 -11.65
C VAL B 104 -12.44 3.40 -12.15
N PHE B 105 -11.50 3.95 -11.40
CA PHE B 105 -10.12 3.98 -11.79
C PHE B 105 -9.15 3.50 -10.76
N GLU B 106 -8.00 3.04 -11.22
CA GLU B 106 -6.88 2.70 -10.38
C GLU B 106 -5.84 3.67 -10.81
N VAL B 107 -5.28 4.40 -9.86
CA VAL B 107 -4.26 5.36 -10.16
C VAL B 107 -3.02 5.18 -9.30
N VAL B 108 -1.86 5.27 -9.92
CA VAL B 108 -0.61 5.26 -9.16
C VAL B 108 -0.03 6.65 -9.25
N ASP B 109 -0.01 7.32 -8.12
CA ASP B 109 0.46 8.70 -8.00
C ASP B 109 1.87 8.69 -7.41
N THR B 110 2.84 9.16 -8.16
CA THR B 110 4.20 9.29 -7.63
C THR B 110 4.53 10.76 -7.45
N TYR B 111 4.78 11.17 -6.20
CA TYR B 111 5.01 12.56 -5.84
C TYR B 111 6.48 12.82 -5.61
N GLU B 112 6.92 14.02 -5.95
CA GLU B 112 8.19 14.47 -5.53
C GLU B 112 7.95 15.69 -4.63
N PHE B 113 8.44 15.65 -3.40
CA PHE B 113 8.30 16.78 -2.53
C PHE B 113 9.65 17.42 -2.39
N ARG B 114 9.69 18.74 -2.30
CA ARG B 114 10.93 19.46 -2.16
C ARG B 114 10.77 20.46 -1.01
N ARG B 115 11.86 20.71 -0.28
CA ARG B 115 11.87 21.58 0.87
C ARG B 115 11.59 23.00 0.47
N LYS B 116 10.60 23.66 1.06
CA LYS B 116 10.32 25.06 0.78
C LYS B 116 10.20 25.76 2.14
N GLY B 117 11.35 26.09 2.73
CA GLY B 117 11.37 26.77 4.02
C GLY B 117 11.31 25.77 5.19
N ASP B 118 10.32 25.98 6.07
CA ASP B 118 10.15 25.12 7.24
C ASP B 118 9.42 23.82 6.93
N SER B 119 8.88 23.68 5.72
CA SER B 119 8.09 22.50 5.38
C SER B 119 8.35 22.11 3.94
N TRP B 120 7.73 21.05 3.46
CA TRP B 120 7.86 20.57 2.13
C TRP B 120 6.61 20.90 1.29
N LYS B 121 6.78 21.00 0.00
CA LYS B 121 5.69 21.22 -0.95
C LYS B 121 5.84 20.24 -2.11
N ILE B 122 4.73 19.88 -2.72
CA ILE B 122 4.76 19.04 -3.87
C ILE B 122 5.36 19.82 -5.04
N VAL B 123 6.39 19.32 -5.68
CA VAL B 123 6.90 19.98 -6.86
C VAL B 123 6.67 19.18 -8.13
N LYS B 124 6.30 17.94 -8.00
CA LYS B 124 6.02 17.12 -9.15
C LYS B 124 5.16 15.95 -8.80
N LEU B 125 4.23 15.71 -9.66
CA LEU B 125 3.34 14.53 -9.54
CA LEU B 125 3.33 14.54 -9.53
C LEU B 125 3.10 13.75 -10.95
N VAL B 126 3.46 12.48 -10.94
CA VAL B 126 3.25 11.71 -12.13
C VAL B 126 2.15 10.71 -11.84
N SER B 127 1.04 10.80 -12.54
CA SER B 127 -0.06 9.91 -12.33
C SER B 127 -0.27 8.99 -13.46
N GLU B 128 -0.26 7.73 -13.11
CA GLU B 128 -0.61 6.62 -14.03
CA GLU B 128 -0.63 6.63 -14.06
C GLU B 128 -2.14 6.09 -13.80
N ILE B 129 -2.95 6.50 -14.72
CA ILE B 129 -4.35 6.24 -14.66
C ILE B 129 -4.90 5.14 -15.53
N THR B 130 -5.60 4.20 -14.90
CA THR B 130 -6.24 3.10 -15.55
C THR B 130 -7.73 3.08 -15.27
N GLN B 131 -8.51 3.01 -16.32
CA GLN B 131 -9.95 2.93 -16.17
C GLN B 131 -10.36 1.46 -16.08
N LEU B 132 -10.91 1.05 -14.94
CA LEU B 132 -11.25 -0.33 -14.69
C LEU B 132 -12.56 -0.75 -15.25
N GLY B 133 -13.52 0.14 -15.22
CA GLY B 133 -14.84 -0.14 -15.73
C GLY B 133 -15.93 0.45 -14.84
N SER B 134 -16.90 -0.37 -14.48
CA SER B 134 -18.00 -0.10 -13.58
C SER B 134 -18.46 1.27 -13.24
C1 HCY C . -6.42 -20.02 6.95
C2 HCY C . -7.45 -20.59 7.07
C3 HCY C . -8.71 -19.85 6.30
C4 HCY C . -8.45 -19.11 5.06
C5 HCY C . -7.08 -19.01 4.61
C6 HCY C . -6.68 -18.22 3.26
C7 HCY C . -5.70 -17.21 3.48
C8 HCY C . -4.55 -17.73 4.15
C9 HCY C . -4.95 -18.43 5.49
C10 HCY C . -5.99 -19.52 5.29
C12 HCY C . -2.64 -17.60 6.51
C11 HCY C . -3.64 -18.85 6.35
C13 HCY C . -2.21 -16.93 5.20
C14 HCY C . -3.59 -16.52 4.35
C15 HCY C . -3.15 -15.78 3.32
C16 HCY C . -1.82 -15.06 3.84
C17 HCY C . -1.79 -15.67 5.26
C18 HCY C . -1.32 -17.87 4.32
C19 HCY C . -5.40 -20.73 4.54
C20 HCY C . -0.21 -15.70 5.50
C21 HCY C . 0.30 -15.69 6.92
O1 HCY C . -9.80 -19.91 6.70
O2 HCY C . -3.04 -19.89 5.81
O3 HCY C . -2.18 -14.88 6.31
O4 HCY C . 0.61 -15.64 4.68
O5 HCY C . 1.73 -15.68 7.02
C1 HCY D . -7.74 12.82 -14.71
C2 HCY D . -8.32 12.72 -15.73
C3 HCY D . -8.76 11.17 -16.06
C4 HCY D . -9.38 10.38 -14.98
C5 HCY D . -9.30 10.96 -13.65
C6 HCY D . -9.91 10.22 -12.35
C7 HCY D . -8.90 10.08 -11.36
C8 HCY D . -8.24 11.32 -11.04
C9 HCY D . -7.66 12.01 -12.29
C10 HCY D . -8.70 12.17 -13.36
C12 HCY D . -5.77 13.11 -10.73
C11 HCY D . -6.83 13.36 -11.92
C13 HCY D . -6.29 12.39 -9.48
C14 HCY D . -7.13 11.06 -9.96
C15 HCY D . -7.39 10.42 -8.80
C16 HCY D . -6.13 10.74 -7.85
C17 HCY D . -5.38 11.69 -8.82
C18 HCY D . -7.22 13.30 -8.62
C19 HCY D . -9.77 13.22 -13.04
C20 HCY D . -4.73 12.70 -7.81
C21 HCY D . -3.47 13.50 -8.21
O1 HCY D . -8.56 10.66 -17.09
O2 HCY D . -7.64 14.30 -11.62
O3 HCY D . -4.20 11.26 -9.39
O4 HCY D . -5.11 12.87 -6.72
O5 HCY D . -3.03 14.40 -7.22
S SO4 E . 0.13 29.77 -6.18
O1 SO4 E . 1.00 28.85 -5.50
O2 SO4 E . -1.07 29.99 -5.39
O3 SO4 E . 0.95 30.96 -6.23
O4 SO4 E . -0.24 29.44 -7.54
#